data_6UNB
#
_entry.id   6UNB
#
_cell.length_a   45.110
_cell.length_b   106.460
_cell.length_c   47.670
_cell.angle_alpha   90.000
_cell.angle_beta   101.920
_cell.angle_gamma   90.000
#
_symmetry.space_group_name_H-M   'P 1 21 1'
#
loop_
_entity.id
_entity.type
_entity.pdbx_description
1 polymer Beta-lactamase
2 non-polymer '(2R,4S)-2-[(1S)-1-{[(2R)-2-carboxy-2-(thiophen-3-yl)acetyl]amino}-1-methoxy-2-oxoethyl]-5,5-dimethyl-1,3-thiazolidine-4 -carboxylic acid'
3 non-polymer 'PHOSPHATE ION'
4 water water
#
_entity_poly.entity_id   1
_entity_poly.type   'polypeptide(L)'
_entity_poly.pdbx_seq_one_letter_code
;(PCA)TSAVQQKLAALEKSSGGRLGVALIDTADNTQVLYRGDERFPMCSTSKVMAAAAVLKQSETQKQLLNQPVEIKPAD
LVNYNPIAEKHVNGTMTLAELSAAALQYSDNTAMNKLIAQLGGPGGVTAFARAIGDETFRLDRTEPTLNTAIPGDPRDTT
TPRAMAQTLRQLTLGHALGETQRAQLVTWLKGNTTGAASIRAGLPTSWTVGDKTGSGDYGTTNDIAVIWPQGRAPLVLVT
YFTQPQQNAESRRDVLASAARIIAEGL
;
_entity_poly.pdbx_strand_id   A,B
#
# COMPACT_ATOMS: atom_id res chain seq x y z
N THR A 2 30.20 -18.05 -4.32
CA THR A 2 28.86 -17.77 -4.80
C THR A 2 27.89 -18.80 -4.21
N SER A 3 26.90 -18.33 -3.45
CA SER A 3 25.85 -19.17 -2.83
C SER A 3 24.78 -19.53 -3.87
N ALA A 4 23.93 -20.50 -3.55
CA ALA A 4 22.73 -20.88 -4.34
C ALA A 4 21.89 -19.61 -4.56
N VAL A 5 21.68 -18.83 -3.50
CA VAL A 5 20.84 -17.62 -3.59
C VAL A 5 21.52 -16.62 -4.53
N GLN A 6 22.82 -16.41 -4.43
CA GLN A 6 23.50 -15.43 -5.31
C GLN A 6 23.39 -15.90 -6.78
N GLN A 7 23.47 -17.21 -7.04
CA GLN A 7 23.35 -17.74 -8.42
C GLN A 7 21.93 -17.49 -8.95
N LYS A 8 20.92 -17.66 -8.13
CA LYS A 8 19.53 -17.38 -8.57
C LYS A 8 19.36 -15.88 -8.85
N LEU A 9 19.91 -15.03 -7.99
CA LEU A 9 19.80 -13.57 -8.21
C LEU A 9 20.52 -13.19 -9.50
N ALA A 10 21.64 -13.84 -9.80
CA ALA A 10 22.39 -13.57 -11.05
C ALA A 10 21.54 -13.94 -12.26
N ALA A 11 20.79 -15.05 -12.19
CA ALA A 11 19.93 -15.52 -13.29
C ALA A 11 18.75 -14.56 -13.46
N LEU A 12 18.17 -14.13 -12.36
CA LEU A 12 17.12 -13.09 -12.41
C LEU A 12 17.69 -11.83 -13.09
N GLU A 13 18.86 -11.38 -12.64
CA GLU A 13 19.45 -10.15 -13.20
C GLU A 13 19.66 -10.34 -14.71
N LYS A 14 20.21 -11.48 -15.11
CA LYS A 14 20.54 -11.70 -16.55
C LYS A 14 19.27 -11.57 -17.39
N SER A 15 18.13 -12.05 -16.89
CA SER A 15 16.84 -12.02 -17.63
C SER A 15 16.20 -10.63 -17.56
N SER A 16 16.69 -9.73 -16.69
CA SER A 16 15.98 -8.50 -16.28
C SER A 16 16.28 -7.35 -17.24
N GLY A 17 17.43 -7.40 -17.90
CA GLY A 17 17.92 -6.30 -18.76
C GLY A 17 18.52 -5.15 -17.96
N GLY A 18 18.76 -5.34 -16.66
CA GLY A 18 19.36 -4.28 -15.86
C GLY A 18 20.34 -4.79 -14.82
N ARG A 19 20.58 -3.96 -13.82
CA ARG A 19 21.57 -4.22 -12.76
C ARG A 19 20.84 -4.25 -11.43
N LEU A 20 20.99 -5.35 -10.72
CA LEU A 20 20.25 -5.67 -9.48
C LEU A 20 21.22 -5.64 -8.30
N GLY A 21 20.82 -4.99 -7.22
CA GLY A 21 21.55 -4.95 -5.94
C GLY A 21 20.66 -5.43 -4.82
N VAL A 22 21.16 -6.38 -4.03
CA VAL A 22 20.37 -6.96 -2.92
C VAL A 22 21.23 -6.99 -1.67
N ALA A 23 20.66 -6.64 -0.54
CA ALA A 23 21.26 -6.94 0.77
C ALA A 23 20.18 -7.40 1.72
N LEU A 24 20.38 -8.58 2.29
CA LEU A 24 19.55 -9.14 3.36
C LEU A 24 20.35 -9.16 4.65
N ILE A 25 19.73 -8.75 5.74
CA ILE A 25 20.21 -9.07 7.10
C ILE A 25 19.13 -9.90 7.76
N ASP A 26 19.48 -11.10 8.18
CA ASP A 26 18.59 -11.97 8.96
C ASP A 26 18.94 -11.76 10.42
N THR A 27 18.10 -11.07 11.20
CA THR A 27 18.42 -10.77 12.62
C THR A 27 18.30 -12.04 13.49
N ALA A 28 17.89 -13.18 12.93
CA ALA A 28 17.93 -14.48 13.66
C ALA A 28 19.38 -14.84 13.98
N ASP A 29 20.32 -14.52 13.08
CA ASP A 29 21.74 -14.93 13.24
C ASP A 29 22.69 -13.79 12.85
N ASN A 30 22.14 -12.68 12.36
CA ASN A 30 22.87 -11.46 11.93
C ASN A 30 23.71 -11.75 10.69
N THR A 31 23.41 -12.83 9.97
CA THR A 31 24.04 -13.15 8.68
C THR A 31 23.50 -12.22 7.58
N GLN A 32 24.32 -12.05 6.57
CA GLN A 32 24.04 -11.17 5.42
C GLN A 32 24.04 -12.01 4.15
N VAL A 33 23.12 -11.76 3.25
CA VAL A 33 23.21 -12.21 1.84
C VAL A 33 23.34 -10.97 0.96
N LEU A 34 24.40 -10.86 0.18
CA LEU A 34 24.64 -9.67 -0.67
C LEU A 34 24.67 -10.11 -2.13
N TYR A 35 24.16 -9.27 -3.00
CA TYR A 35 24.35 -9.37 -4.46
C TYR A 35 24.64 -7.97 -4.98
N ARG A 36 25.83 -7.73 -5.52
CA ARG A 36 26.32 -6.37 -5.81
C ARG A 36 26.13 -5.50 -4.56
N GLY A 37 26.44 -6.05 -3.39
CA GLY A 37 26.17 -5.38 -2.10
C GLY A 37 26.97 -4.11 -1.92
N ASP A 38 28.11 -3.99 -2.60
CA ASP A 38 29.03 -2.83 -2.42
C ASP A 38 29.06 -1.98 -3.70
N GLU A 39 28.13 -2.19 -4.62
CA GLU A 39 27.98 -1.30 -5.79
C GLU A 39 27.01 -0.17 -5.43
N ARG A 40 27.20 0.98 -6.03
CA ARG A 40 26.33 2.15 -5.80
C ARG A 40 25.12 2.08 -6.72
N PHE A 41 23.99 2.51 -6.17
CA PHE A 41 22.71 2.64 -6.90
C PHE A 41 22.10 3.98 -6.54
N PRO A 42 21.31 4.60 -7.44
CA PRO A 42 20.55 5.78 -7.09
C PRO A 42 19.45 5.38 -6.12
N MET A 43 19.33 6.09 -5.01
CA MET A 43 18.33 5.76 -3.95
C MET A 43 16.91 6.14 -4.38
N CYS A 44 16.75 7.22 -5.14
CA CYS A 44 15.44 7.83 -5.43
C CYS A 44 14.68 7.96 -4.10
N SER A 45 13.38 7.64 -4.04
CA SER A 45 12.55 7.97 -2.86
C SER A 45 12.97 7.17 -1.63
N THR A 46 13.79 6.12 -1.76
CA THR A 46 14.23 5.37 -0.55
C THR A 46 15.05 6.29 0.36
N SER A 47 15.64 7.35 -0.17
CA SER A 47 16.38 8.38 0.61
C SER A 47 15.45 9.05 1.65
N LYS A 48 14.14 9.00 1.45
CA LYS A 48 13.20 9.70 2.38
C LYS A 48 13.26 9.08 3.77
N VAL A 49 13.58 7.80 3.88
CA VAL A 49 13.73 7.16 5.21
C VAL A 49 14.83 7.87 6.01
N MET A 50 15.97 8.16 5.41
CA MET A 50 17.09 8.79 6.14
C MET A 50 16.67 10.20 6.57
N ALA A 51 15.95 10.93 5.72
CA ALA A 51 15.52 12.30 6.02
C ALA A 51 14.51 12.29 7.17
N ALA A 52 13.52 11.41 7.11
CA ALA A 52 12.51 11.33 8.19
C ALA A 52 13.21 10.91 9.49
N ALA A 53 14.12 9.95 9.42
CA ALA A 53 14.84 9.48 10.63
C ALA A 53 15.67 10.61 11.23
N ALA A 54 16.29 11.43 10.39
CA ALA A 54 17.13 12.55 10.87
C ALA A 54 16.26 13.54 11.66
N VAL A 55 15.05 13.79 11.18
CA VAL A 55 14.11 14.71 11.88
C VAL A 55 13.63 14.03 13.17
N LEU A 56 13.38 12.73 13.16
CA LEU A 56 13.03 12.00 14.40
C LEU A 56 14.18 12.15 15.41
N LYS A 57 15.43 12.06 14.95
CA LYS A 57 16.59 12.25 15.86
C LYS A 57 16.56 13.67 16.46
N GLN A 58 16.30 14.67 15.64
CA GLN A 58 16.18 16.07 16.14
C GLN A 58 15.10 16.12 17.22
N SER A 59 14.02 15.37 17.04
CA SER A 59 12.84 15.47 17.93
C SER A 59 13.18 14.89 19.31
N GLU A 60 14.26 14.11 19.43
CA GLU A 60 14.63 13.51 20.73
C GLU A 60 15.00 14.60 21.74
N THR A 61 15.48 15.75 21.28
CA THR A 61 15.87 16.87 22.17
C THR A 61 14.88 18.05 22.04
N GLN A 62 13.78 17.88 21.30
CA GLN A 62 12.68 18.87 21.15
C GLN A 62 11.34 18.13 21.10
N LYS A 63 10.74 17.93 22.26
CA LYS A 63 9.49 17.13 22.45
C LYS A 63 8.40 17.60 21.49
N GLN A 64 8.37 18.88 21.15
CA GLN A 64 7.27 19.50 20.35
C GLN A 64 7.63 19.59 18.88
N LEU A 65 8.82 19.13 18.48
CA LEU A 65 9.33 19.42 17.11
C LEU A 65 8.35 18.90 16.07
N LEU A 66 7.79 17.70 16.27
CA LEU A 66 6.93 17.08 15.24
C LEU A 66 5.60 17.85 15.11
N ASN A 67 5.31 18.75 16.05
CA ASN A 67 4.10 19.61 15.98
C ASN A 67 4.42 20.98 15.38
N GLN A 68 5.68 21.22 15.03
CA GLN A 68 6.12 22.53 14.50
C GLN A 68 5.56 22.72 13.09
N PRO A 69 4.85 23.84 12.83
CA PRO A 69 4.28 24.10 11.51
C PRO A 69 5.36 24.52 10.50
N VAL A 70 5.18 24.09 9.27
CA VAL A 70 5.99 24.51 8.11
C VAL A 70 5.06 25.10 7.05
N GLU A 71 5.39 26.28 6.55
CA GLU A 71 4.59 26.94 5.50
C GLU A 71 4.77 26.15 4.20
N ILE A 72 3.66 25.85 3.55
CA ILE A 72 3.63 25.32 2.15
C ILE A 72 3.18 26.43 1.22
N LYS A 73 4.03 26.84 0.30
CA LYS A 73 3.73 27.92 -0.66
C LYS A 73 3.50 27.31 -2.05
N PRO A 74 2.70 27.96 -2.90
CA PRO A 74 2.53 27.48 -4.27
C PRO A 74 3.87 27.17 -4.95
N ALA A 75 4.88 28.00 -4.71
CA ALA A 75 6.23 27.88 -5.32
C ALA A 75 6.93 26.60 -4.82
N ASP A 76 6.50 26.05 -3.70
CA ASP A 76 7.16 24.85 -3.10
C ASP A 76 6.78 23.58 -3.86
N LEU A 77 5.62 23.56 -4.52
CA LEU A 77 5.12 22.30 -5.10
C LEU A 77 6.09 21.87 -6.21
N VAL A 78 6.49 20.62 -6.18
CA VAL A 78 7.35 20.06 -7.25
C VAL A 78 6.50 19.08 -8.05
N ASN A 79 6.97 17.86 -8.31
CA ASN A 79 6.44 17.02 -9.40
C ASN A 79 5.50 15.92 -8.90
N TYR A 80 5.33 15.78 -7.60
CA TYR A 80 4.58 14.66 -6.97
C TYR A 80 4.22 15.04 -5.54
N ASN A 81 3.05 15.66 -5.35
CA ASN A 81 2.73 16.38 -4.09
C ASN A 81 1.32 16.05 -3.66
N PRO A 82 0.94 14.76 -3.58
CA PRO A 82 -0.47 14.42 -3.37
C PRO A 82 -1.01 14.97 -2.04
N ILE A 83 -0.13 15.11 -1.04
CA ILE A 83 -0.54 15.62 0.30
C ILE A 83 -0.29 17.12 0.37
N ALA A 84 0.91 17.57 0.03
CA ALA A 84 1.29 18.99 0.21
C ALA A 84 0.37 19.90 -0.62
N GLU A 85 -0.09 19.46 -1.80
CA GLU A 85 -0.89 20.38 -2.66
C GLU A 85 -2.19 20.75 -1.94
N LYS A 86 -2.67 19.94 -1.00
CA LYS A 86 -3.91 20.23 -0.26
C LYS A 86 -3.68 21.34 0.76
N HIS A 87 -2.43 21.66 1.07
CA HIS A 87 -2.06 22.54 2.22
C HIS A 87 -1.33 23.79 1.73
N VAL A 88 -1.33 24.03 0.42
CA VAL A 88 -0.68 25.24 -0.15
C VAL A 88 -1.36 26.48 0.45
N ASN A 89 -0.54 27.48 0.79
CA ASN A 89 -0.98 28.72 1.48
C ASN A 89 -1.44 28.38 2.90
N GLY A 90 -1.09 27.21 3.40
CA GLY A 90 -1.26 26.87 4.82
C GLY A 90 0.01 26.28 5.39
N THR A 91 -0.14 25.40 6.36
CA THR A 91 1.00 24.75 7.04
C THR A 91 0.78 23.26 7.15
N MET A 92 1.87 22.54 7.27
CA MET A 92 1.89 21.13 7.72
C MET A 92 2.90 21.03 8.85
N THR A 93 2.63 20.18 9.83
CA THR A 93 3.63 19.94 10.89
C THR A 93 4.72 19.03 10.35
N LEU A 94 5.85 18.97 11.06
CA LEU A 94 6.93 18.05 10.66
C LEU A 94 6.46 16.59 10.77
N ALA A 95 5.56 16.23 11.69
CA ALA A 95 4.94 14.89 11.70
C ALA A 95 4.18 14.68 10.39
N GLU A 96 3.34 15.62 10.01
CA GLU A 96 2.52 15.48 8.77
C GLU A 96 3.45 15.34 7.57
N LEU A 97 4.54 16.11 7.54
CA LEU A 97 5.47 16.06 6.40
C LEU A 97 6.22 14.72 6.38
N SER A 98 6.59 14.21 7.54
CA SER A 98 7.27 12.91 7.67
C SER A 98 6.34 11.81 7.15
N ALA A 99 5.08 11.81 7.61
CA ALA A 99 4.09 10.79 7.23
C ALA A 99 3.84 10.88 5.71
N ALA A 100 3.71 12.09 5.20
CA ALA A 100 3.44 12.31 3.75
C ALA A 100 4.62 11.82 2.92
N ALA A 101 5.84 12.17 3.33
CA ALA A 101 7.06 11.73 2.62
C ALA A 101 7.17 10.21 2.63
N LEU A 102 6.93 9.58 3.76
CA LEU A 102 7.17 8.11 3.87
C LEU A 102 6.02 7.32 3.27
N GLN A 103 4.78 7.68 3.58
CA GLN A 103 3.63 6.77 3.30
C GLN A 103 3.05 7.08 1.93
N TYR A 104 3.23 8.30 1.41
CA TYR A 104 2.69 8.72 0.09
C TYR A 104 3.82 9.12 -0.86
N SER A 105 5.04 9.21 -0.35
CA SER A 105 6.23 9.60 -1.15
C SER A 105 6.06 11.02 -1.71
N ASP A 106 5.49 11.92 -0.92
CA ASP A 106 5.30 13.33 -1.33
C ASP A 106 6.67 14.00 -1.44
N ASN A 107 6.98 14.55 -2.60
CA ASN A 107 8.30 15.17 -2.87
C ASN A 107 8.41 16.55 -2.23
N THR A 108 7.32 17.30 -2.14
CA THR A 108 7.32 18.60 -1.46
C THR A 108 7.63 18.34 0.01
N ALA A 109 7.00 17.32 0.58
CA ALA A 109 7.23 16.97 2.00
C ALA A 109 8.71 16.63 2.22
N MET A 110 9.28 15.80 1.35
CA MET A 110 10.71 15.47 1.45
C MET A 110 11.53 16.76 1.42
N ASN A 111 11.23 17.71 0.55
CA ASN A 111 12.03 18.95 0.47
C ASN A 111 11.95 19.70 1.80
N LYS A 112 10.80 19.69 2.47
CA LYS A 112 10.68 20.36 3.79
C LYS A 112 11.52 19.63 4.85
N LEU A 113 11.57 18.30 4.81
CA LEU A 113 12.46 17.55 5.74
C LEU A 113 13.91 17.94 5.45
N ILE A 114 14.30 17.94 4.19
CA ILE A 114 15.69 18.29 3.82
C ILE A 114 16.00 19.69 4.35
N ALA A 115 15.11 20.65 4.16
CA ALA A 115 15.35 22.05 4.59
C ALA A 115 15.46 22.12 6.12
N GLN A 116 14.67 21.32 6.84
CA GLN A 116 14.71 21.26 8.32
C GLN A 116 16.08 20.73 8.79
N LEU A 117 16.76 19.96 7.94
CA LEU A 117 18.09 19.37 8.26
C LEU A 117 19.22 20.24 7.71
N GLY A 118 18.89 21.37 7.09
CA GLY A 118 19.91 22.32 6.60
C GLY A 118 20.39 22.02 5.19
N GLY A 119 19.65 21.23 4.44
CA GLY A 119 19.98 20.87 3.06
C GLY A 119 20.43 19.43 2.93
N PRO A 120 20.66 18.97 1.69
CA PRO A 120 20.97 17.56 1.48
C PRO A 120 22.11 17.07 2.39
N GLY A 121 23.15 17.88 2.57
CA GLY A 121 24.31 17.53 3.40
C GLY A 121 23.93 17.28 4.85
N GLY A 122 22.84 17.87 5.32
CA GLY A 122 22.34 17.61 6.69
C GLY A 122 21.83 16.18 6.80
N VAL A 123 21.31 15.65 5.72
CA VAL A 123 20.84 14.24 5.70
C VAL A 123 22.07 13.34 5.71
N THR A 124 23.08 13.66 4.89
CA THR A 124 24.34 12.89 4.87
C THR A 124 24.98 12.95 6.27
N ALA A 125 25.01 14.10 6.91
CA ALA A 125 25.63 14.24 8.24
C ALA A 125 24.95 13.28 9.23
N PHE A 126 23.63 13.16 9.16
CA PHE A 126 22.91 12.24 10.07
C PHE A 126 23.36 10.81 9.76
N ALA A 127 23.42 10.44 8.49
CA ALA A 127 23.88 9.11 8.08
C ALA A 127 25.25 8.81 8.72
N ARG A 128 26.19 9.76 8.63
CA ARG A 128 27.55 9.58 9.22
C ARG A 128 27.42 9.39 10.74
N ALA A 129 26.53 10.15 11.39
CA ALA A 129 26.38 10.11 12.87
C ALA A 129 25.90 8.73 13.31
N ILE A 130 25.21 7.99 12.45
CA ILE A 130 24.70 6.64 12.83
C ILE A 130 25.50 5.55 12.15
N GLY A 131 26.70 5.87 11.67
CA GLY A 131 27.72 4.88 11.26
C GLY A 131 27.63 4.49 9.80
N ASP A 132 26.85 5.22 9.02
CA ASP A 132 26.73 4.99 7.55
C ASP A 132 27.72 5.92 6.85
N GLU A 133 28.81 5.36 6.35
CA GLU A 133 29.89 6.12 5.67
C GLU A 133 29.65 6.13 4.15
N THR A 134 28.55 5.56 3.69
CA THR A 134 28.33 5.26 2.25
C THR A 134 27.28 6.21 1.66
N PHE A 135 26.15 6.31 2.35
CA PHE A 135 25.01 7.15 1.94
C PHE A 135 25.52 8.55 1.57
N ARG A 136 25.00 9.11 0.50
CA ARG A 136 25.15 10.55 0.25
C ARG A 136 23.88 11.11 -0.37
N LEU A 137 23.40 12.21 0.18
CA LEU A 137 22.35 13.02 -0.46
C LEU A 137 22.98 14.33 -0.88
N ASP A 138 22.84 14.65 -2.16
CA ASP A 138 23.53 15.78 -2.79
C ASP A 138 22.53 16.82 -3.31
N ARG A 139 21.31 16.41 -3.59
CA ARG A 139 20.31 17.29 -4.25
C ARG A 139 18.96 17.17 -3.54
N THR A 140 18.08 18.09 -3.85
CA THR A 140 16.69 18.09 -3.41
C THR A 140 15.81 17.35 -4.41
N GLU A 141 14.53 17.24 -4.11
CA GLU A 141 13.52 16.75 -5.07
C GLU A 141 13.21 17.85 -6.08
N PRO A 142 13.03 17.52 -7.37
CA PRO A 142 13.08 16.17 -7.90
C PRO A 142 14.39 15.73 -8.55
N THR A 143 15.40 16.60 -8.55
CA THR A 143 16.64 16.31 -9.32
C THR A 143 17.43 15.17 -8.68
N LEU A 144 17.17 14.82 -7.42
CA LEU A 144 17.94 13.71 -6.80
C LEU A 144 17.61 12.36 -7.47
N ASN A 145 16.62 12.31 -8.36
CA ASN A 145 16.16 11.07 -9.02
C ASN A 145 16.68 10.93 -10.47
N THR A 146 17.65 11.71 -10.91
CA THR A 146 18.12 11.61 -12.30
C THR A 146 18.74 10.22 -12.57
N ALA A 147 19.36 9.61 -11.56
CA ALA A 147 19.73 8.16 -11.55
C ALA A 147 20.68 7.85 -12.71
N ILE A 148 21.56 8.77 -13.07
CA ILE A 148 22.45 8.62 -14.25
C ILE A 148 23.48 7.54 -13.94
N PRO A 149 23.69 6.54 -14.82
CA PRO A 149 24.68 5.52 -14.52
C PRO A 149 26.05 6.15 -14.26
N GLY A 150 26.74 5.69 -13.22
CA GLY A 150 28.11 6.13 -12.88
C GLY A 150 28.12 7.40 -12.03
N ASP A 151 26.98 8.07 -11.89
CA ASP A 151 26.87 9.32 -11.11
C ASP A 151 26.83 8.96 -9.63
N PRO A 152 27.77 9.45 -8.80
CA PRO A 152 27.72 9.14 -7.37
C PRO A 152 26.65 9.91 -6.58
N ARG A 153 26.11 10.98 -7.15
CA ARG A 153 25.15 11.83 -6.40
C ARG A 153 23.93 10.99 -5.97
N ASP A 154 23.53 11.14 -4.73
CA ASP A 154 22.24 10.60 -4.24
C ASP A 154 22.25 9.07 -4.41
N THR A 155 23.36 8.46 -4.06
CA THR A 155 23.53 7.00 -4.10
C THR A 155 23.85 6.42 -2.73
N THR A 156 23.63 5.13 -2.62
CA THR A 156 24.22 4.31 -1.55
C THR A 156 24.47 2.90 -2.09
N THR A 157 24.96 2.01 -1.24
CA THR A 157 25.09 0.58 -1.60
C THR A 157 24.00 -0.19 -0.88
N PRO A 158 23.61 -1.37 -1.41
CA PRO A 158 22.67 -2.22 -0.69
C PRO A 158 23.15 -2.57 0.73
N ARG A 159 24.43 -2.90 0.89
CA ARG A 159 24.97 -3.31 2.20
C ARG A 159 24.76 -2.16 3.19
N ALA A 160 25.15 -0.95 2.80
CA ALA A 160 25.09 0.20 3.72
C ALA A 160 23.63 0.48 4.09
N MET A 161 22.72 0.46 3.11
CA MET A 161 21.33 0.84 3.39
C MET A 161 20.65 -0.24 4.25
N ALA A 162 20.96 -1.52 4.06
CA ALA A 162 20.40 -2.58 4.90
C ALA A 162 20.87 -2.38 6.35
N GLN A 163 22.16 -2.11 6.54
CA GLN A 163 22.69 -1.93 7.91
C GLN A 163 22.00 -0.72 8.55
N THR A 164 21.88 0.38 7.81
CA THR A 164 21.26 1.61 8.34
C THR A 164 19.80 1.32 8.68
N LEU A 165 19.07 0.69 7.78
CA LEU A 165 17.63 0.46 8.04
C LEU A 165 17.48 -0.43 9.27
N ARG A 166 18.35 -1.41 9.44
CA ARG A 166 18.34 -2.26 10.66
C ARG A 166 18.56 -1.40 11.90
N GLN A 167 19.59 -0.56 11.90
CA GLN A 167 19.91 0.25 13.10
C GLN A 167 18.74 1.20 13.43
N LEU A 168 18.11 1.77 12.41
CA LEU A 168 16.99 2.73 12.59
C LEU A 168 15.73 2.05 13.13
N THR A 169 15.41 0.86 12.64
CA THR A 169 14.08 0.25 12.88
C THR A 169 14.13 -0.82 13.97
N LEU A 170 15.26 -1.50 14.14
CA LEU A 170 15.35 -2.65 15.07
C LEU A 170 16.43 -2.41 16.12
N GLY A 171 17.40 -1.54 15.84
CA GLY A 171 18.50 -1.21 16.75
C GLY A 171 18.26 0.11 17.46
N HIS A 172 19.33 0.77 17.88
CA HIS A 172 19.28 1.88 18.86
C HIS A 172 19.81 3.18 18.22
N ALA A 173 19.73 3.32 16.90
CA ALA A 173 20.13 4.59 16.24
C ALA A 173 19.19 5.73 16.67
N LEU A 174 17.92 5.42 16.90
CA LEU A 174 16.91 6.37 17.42
C LEU A 174 16.52 5.99 18.85
N GLY A 175 15.93 6.92 19.58
CA GLY A 175 15.23 6.63 20.83
C GLY A 175 14.06 5.69 20.61
N GLU A 176 13.61 5.01 21.66
CA GLU A 176 12.59 3.93 21.51
C GLU A 176 11.29 4.52 20.94
N THR A 177 10.85 5.69 21.41
CA THR A 177 9.61 6.35 20.91
C THR A 177 9.76 6.61 19.39
N GLN A 178 10.90 7.11 18.99
CA GLN A 178 11.16 7.51 17.61
C GLN A 178 11.28 6.28 16.72
N ARG A 179 11.97 5.22 17.18
CA ARG A 179 12.07 3.92 16.45
C ARG A 179 10.66 3.39 16.19
N ALA A 180 9.82 3.37 17.22
CA ALA A 180 8.43 2.88 17.12
C ALA A 180 7.66 3.75 16.11
N GLN A 181 7.84 5.07 16.13
CA GLN A 181 7.16 5.95 15.15
C GLN A 181 7.61 5.62 13.73
N LEU A 182 8.91 5.44 13.52
CA LEU A 182 9.42 5.14 12.16
C LEU A 182 8.80 3.81 11.68
N VAL A 183 8.80 2.80 12.54
CA VAL A 183 8.23 1.47 12.15
C VAL A 183 6.73 1.64 11.85
N THR A 184 6.00 2.36 12.67
CA THR A 184 4.56 2.63 12.40
C THR A 184 4.43 3.26 11.01
N TRP A 185 5.22 4.29 10.71
CA TRP A 185 5.11 4.97 9.41
C TRP A 185 5.39 3.99 8.27
N LEU A 186 6.48 3.24 8.35
CA LEU A 186 6.85 2.30 7.27
C LEU A 186 5.77 1.23 7.08
N LYS A 187 5.22 0.71 8.18
CA LYS A 187 4.18 -0.34 8.11
C LYS A 187 2.92 0.21 7.44
N GLY A 188 2.71 1.53 7.45
CA GLY A 188 1.55 2.16 6.80
C GLY A 188 1.85 2.65 5.41
N ASN A 189 2.99 2.26 4.82
CA ASN A 189 3.31 2.65 3.43
C ASN A 189 2.17 2.24 2.50
N THR A 190 1.84 3.10 1.53
CA THR A 190 0.78 2.83 0.54
C THR A 190 1.33 2.29 -0.78
N THR A 191 2.64 2.35 -1.02
CA THR A 191 3.18 2.21 -2.39
C THR A 191 3.90 0.87 -2.61
N GLY A 192 3.88 -0.06 -1.63
CA GLY A 192 4.80 -1.21 -1.58
C GLY A 192 4.26 -2.53 -2.12
N ALA A 193 2.98 -2.70 -2.41
CA ALA A 193 2.42 -4.06 -2.57
C ALA A 193 2.96 -4.78 -3.81
N ALA A 194 3.53 -4.08 -4.80
CA ALA A 194 4.02 -4.71 -6.05
C ALA A 194 5.52 -5.07 -5.94
N SER A 195 6.17 -4.68 -4.85
CA SER A 195 7.64 -4.71 -4.77
C SER A 195 8.08 -5.87 -3.86
N ILE A 196 8.89 -5.61 -2.83
CA ILE A 196 9.37 -6.73 -1.97
C ILE A 196 8.15 -7.55 -1.47
N ARG A 197 7.14 -6.85 -0.95
N ARG A 197 7.11 -6.86 -0.98
CA ARG A 197 5.87 -7.45 -0.45
CA ARG A 197 5.88 -7.49 -0.42
C ARG A 197 5.43 -8.59 -1.37
C ARG A 197 5.34 -8.57 -1.36
N ALA A 198 5.39 -8.35 -2.68
CA ALA A 198 4.77 -9.25 -3.67
C ALA A 198 5.53 -10.57 -3.73
N GLY A 199 6.78 -10.61 -3.26
CA GLY A 199 7.60 -11.82 -3.33
C GLY A 199 7.57 -12.63 -2.04
N LEU A 200 6.89 -12.15 -1.00
CA LEU A 200 6.93 -12.80 0.34
C LEU A 200 5.61 -13.50 0.62
N PRO A 201 5.62 -14.52 1.50
CA PRO A 201 4.38 -15.12 1.98
C PRO A 201 3.45 -14.07 2.60
N THR A 202 2.14 -14.23 2.38
CA THR A 202 1.12 -13.23 2.77
C THR A 202 1.14 -13.05 4.28
N SER A 203 1.54 -14.06 5.04
CA SER A 203 1.49 -14.05 6.53
C SER A 203 2.59 -13.17 7.12
N TRP A 204 3.62 -12.85 6.34
CA TRP A 204 4.75 -11.99 6.78
C TRP A 204 4.33 -10.53 6.76
N THR A 205 4.70 -9.79 7.80
N THR A 205 4.63 -9.78 7.81
CA THR A 205 4.43 -8.34 7.94
CA THR A 205 4.30 -8.33 7.82
C THR A 205 5.59 -7.54 7.33
C THR A 205 5.53 -7.53 7.36
N VAL A 206 5.26 -6.47 6.61
CA VAL A 206 6.28 -5.63 5.95
C VAL A 206 6.03 -4.16 6.30
N GLY A 207 7.11 -3.46 6.59
CA GLY A 207 7.17 -2.00 6.43
C GLY A 207 8.24 -1.66 5.41
N ASP A 208 7.98 -0.70 4.54
CA ASP A 208 8.94 -0.47 3.43
C ASP A 208 8.84 0.95 2.91
N LYS A 209 9.83 1.31 2.13
CA LYS A 209 9.83 2.54 1.32
C LYS A 209 10.31 2.19 -0.07
N THR A 210 9.49 2.49 -1.05
CA THR A 210 9.80 2.26 -2.48
C THR A 210 10.45 3.51 -3.08
N GLY A 211 10.97 3.36 -4.29
CA GLY A 211 11.30 4.54 -5.09
C GLY A 211 11.43 4.17 -6.54
N SER A 212 11.30 5.16 -7.41
CA SER A 212 11.63 4.99 -8.83
C SER A 212 12.20 6.29 -9.39
N GLY A 213 12.72 6.29 -10.60
CA GLY A 213 13.20 7.57 -11.15
C GLY A 213 13.51 7.40 -12.61
N ASP A 214 14.60 8.01 -13.08
CA ASP A 214 14.99 7.76 -14.49
C ASP A 214 15.85 6.50 -14.57
N TYR A 215 16.17 6.07 -15.78
CA TYR A 215 16.91 4.82 -16.06
C TYR A 215 16.13 3.62 -15.50
N GLY A 216 14.81 3.72 -15.49
CA GLY A 216 13.97 2.60 -15.05
C GLY A 216 14.35 2.17 -13.66
N THR A 217 14.84 3.10 -12.85
CA THR A 217 15.31 2.79 -11.50
C THR A 217 14.11 2.38 -10.65
N THR A 218 14.20 1.23 -9.99
CA THR A 218 13.07 0.63 -9.26
C THR A 218 13.62 0.05 -7.97
N ASN A 219 13.24 0.62 -6.83
CA ASN A 219 13.88 0.33 -5.54
C ASN A 219 12.84 0.00 -4.48
N ASP A 220 13.27 -0.75 -3.47
CA ASP A 220 12.47 -0.97 -2.24
C ASP A 220 13.43 -1.29 -1.12
N ILE A 221 13.16 -0.76 0.06
CA ILE A 221 13.88 -1.12 1.30
C ILE A 221 12.84 -1.47 2.35
N ALA A 222 13.01 -2.60 3.01
CA ALA A 222 11.95 -3.18 3.84
C ALA A 222 12.50 -3.73 5.13
N VAL A 223 11.70 -3.62 6.18
N VAL A 223 11.71 -3.61 6.18
CA VAL A 223 11.83 -4.44 7.41
CA VAL A 223 11.82 -4.46 7.38
C VAL A 223 10.67 -5.42 7.45
C VAL A 223 10.67 -5.45 7.33
N ILE A 224 10.98 -6.70 7.66
CA ILE A 224 10.07 -7.84 7.42
C ILE A 224 9.99 -8.62 8.71
N TRP A 225 8.78 -8.92 9.15
CA TRP A 225 8.54 -9.78 10.34
C TRP A 225 7.96 -11.11 9.87
N PRO A 226 8.81 -12.13 9.59
CA PRO A 226 8.36 -13.44 9.16
C PRO A 226 7.47 -14.09 10.22
N GLN A 227 6.55 -14.94 9.76
CA GLN A 227 5.69 -15.79 10.63
C GLN A 227 6.59 -16.79 11.36
N GLY A 228 6.85 -16.54 12.64
CA GLY A 228 7.55 -17.48 13.54
C GLY A 228 9.05 -17.23 13.63
N ARG A 229 9.57 -16.09 13.16
CA ARG A 229 11.04 -15.91 13.25
C ARG A 229 11.41 -14.42 13.33
N ALA A 230 12.64 -14.24 13.78
CA ALA A 230 13.19 -12.87 13.96
C ALA A 230 13.08 -12.07 12.67
N PRO A 231 12.99 -10.73 12.78
CA PRO A 231 12.84 -9.89 11.60
C PRO A 231 14.04 -9.91 10.64
N LEU A 232 13.73 -9.59 9.39
CA LEU A 232 14.72 -9.40 8.31
C LEU A 232 14.76 -7.92 7.92
N VAL A 233 15.87 -7.52 7.38
CA VAL A 233 15.96 -6.26 6.63
C VAL A 233 16.38 -6.62 5.22
N LEU A 234 15.67 -6.09 4.22
CA LEU A 234 15.96 -6.41 2.82
C LEU A 234 15.98 -5.14 1.98
N VAL A 235 17.07 -4.93 1.26
CA VAL A 235 17.17 -3.85 0.24
C VAL A 235 17.22 -4.50 -1.13
N THR A 236 16.37 -4.04 -2.05
CA THR A 236 16.42 -4.43 -3.46
C THR A 236 16.46 -3.18 -4.32
N TYR A 237 17.57 -2.97 -5.00
CA TYR A 237 17.79 -1.82 -5.91
C TYR A 237 17.94 -2.34 -7.33
N PHE A 238 17.44 -1.60 -8.30
CA PHE A 238 17.43 -2.04 -9.71
C PHE A 238 17.53 -0.82 -10.61
N THR A 239 18.42 -0.87 -11.60
CA THR A 239 18.54 0.26 -12.55
C THR A 239 18.92 -0.30 -13.92
N GLN A 240 18.59 0.47 -14.96
CA GLN A 240 18.61 -0.03 -16.36
C GLN A 240 19.40 0.94 -17.22
N PRO A 241 19.85 0.50 -18.40
CA PRO A 241 20.78 1.31 -19.18
C PRO A 241 20.17 2.53 -19.89
N GLN A 242 18.88 2.51 -20.20
CA GLN A 242 18.22 3.59 -21.00
C GLN A 242 17.45 4.53 -20.07
N GLN A 243 17.56 5.82 -20.34
CA GLN A 243 17.00 6.89 -19.48
C GLN A 243 15.50 6.66 -19.31
N ASN A 244 14.83 6.19 -20.37
N ASN A 244 14.81 6.23 -20.37
CA ASN A 244 13.35 6.15 -20.49
CA ASN A 244 13.33 6.17 -20.38
C ASN A 244 12.82 4.76 -20.12
C ASN A 244 12.85 4.73 -20.22
N ALA A 245 13.67 3.87 -19.59
CA ALA A 245 13.29 2.48 -19.28
C ALA A 245 12.06 2.46 -18.35
N GLU A 246 11.23 1.43 -18.51
CA GLU A 246 10.02 1.21 -17.67
C GLU A 246 10.44 0.69 -16.29
N SER A 247 9.67 1.01 -15.26
CA SER A 247 9.81 0.43 -13.91
C SER A 247 9.66 -1.09 -13.95
N ARG A 248 10.37 -1.79 -13.07
CA ARG A 248 10.30 -3.27 -12.99
C ARG A 248 10.14 -3.69 -11.53
N ARG A 249 8.99 -3.36 -10.94
CA ARG A 249 8.71 -3.76 -9.54
C ARG A 249 8.68 -5.30 -9.47
N ASP A 250 8.31 -5.96 -10.57
CA ASP A 250 8.25 -7.44 -10.61
C ASP A 250 9.65 -8.01 -10.33
N VAL A 251 10.71 -7.33 -10.76
CA VAL A 251 12.09 -7.82 -10.53
C VAL A 251 12.40 -7.77 -9.03
N LEU A 252 11.93 -6.75 -8.32
CA LEU A 252 12.15 -6.65 -6.87
C LEU A 252 11.36 -7.77 -6.18
N ALA A 253 10.14 -8.01 -6.62
CA ALA A 253 9.31 -9.09 -6.07
C ALA A 253 10.04 -10.42 -6.28
N SER A 254 10.59 -10.64 -7.47
CA SER A 254 11.31 -11.88 -7.79
C SER A 254 12.53 -12.03 -6.87
N ALA A 255 13.27 -10.95 -6.63
CA ALA A 255 14.46 -10.99 -5.76
C ALA A 255 14.02 -11.38 -4.34
N ALA A 256 12.92 -10.78 -3.86
CA ALA A 256 12.41 -11.05 -2.50
C ALA A 256 12.01 -12.52 -2.40
N ARG A 257 11.39 -13.06 -3.44
CA ARG A 257 10.93 -14.47 -3.46
C ARG A 257 12.16 -15.39 -3.36
N ILE A 258 13.22 -15.10 -4.09
CA ILE A 258 14.47 -15.91 -4.04
C ILE A 258 15.03 -15.85 -2.62
N ILE A 259 15.06 -14.67 -2.01
CA ILE A 259 15.58 -14.50 -0.64
C ILE A 259 14.72 -15.32 0.32
N ALA A 260 13.39 -15.23 0.22
CA ALA A 260 12.46 -15.92 1.15
C ALA A 260 12.64 -17.44 1.02
N GLU A 261 12.81 -17.93 -0.22
CA GLU A 261 12.92 -19.37 -0.53
C GLU A 261 14.27 -19.89 -0.02
N GLY A 262 15.25 -19.01 0.16
CA GLY A 262 16.64 -19.37 0.50
C GLY A 262 16.90 -19.38 1.99
N LEU A 263 15.93 -18.92 2.79
CA LEU A 263 16.05 -18.87 4.27
C LEU A 263 15.93 -20.28 4.86
N ALA B 4 -13.60 -0.57 -29.13
CA ALA B 4 -12.20 -0.64 -28.64
C ALA B 4 -12.17 -1.39 -27.30
N VAL B 5 -12.78 -0.79 -26.27
CA VAL B 5 -12.55 -1.22 -24.85
C VAL B 5 -13.05 -2.64 -24.67
N GLN B 6 -14.20 -2.97 -25.26
CA GLN B 6 -14.84 -4.30 -25.11
C GLN B 6 -13.91 -5.37 -25.70
N GLN B 7 -13.34 -5.12 -26.87
CA GLN B 7 -12.44 -6.10 -27.54
C GLN B 7 -11.25 -6.33 -26.62
N LYS B 8 -10.74 -5.26 -26.01
CA LYS B 8 -9.48 -5.31 -25.23
C LYS B 8 -9.73 -6.06 -23.92
N LEU B 9 -10.87 -5.82 -23.27
CA LEU B 9 -11.18 -6.52 -22.00
C LEU B 9 -11.44 -8.00 -22.29
N ALA B 10 -12.13 -8.32 -23.39
CA ALA B 10 -12.40 -9.73 -23.79
C ALA B 10 -11.05 -10.44 -24.01
N ALA B 11 -10.12 -9.79 -24.71
CA ALA B 11 -8.78 -10.33 -25.04
C ALA B 11 -8.03 -10.59 -23.73
N LEU B 12 -8.06 -9.63 -22.81
CA LEU B 12 -7.36 -9.78 -21.50
C LEU B 12 -7.95 -10.99 -20.78
N GLU B 13 -9.28 -11.09 -20.73
CA GLU B 13 -9.93 -12.23 -20.04
C GLU B 13 -9.46 -13.55 -20.68
N LYS B 14 -9.51 -13.63 -22.00
CA LYS B 14 -9.15 -14.87 -22.72
C LYS B 14 -7.71 -15.25 -22.33
N SER B 15 -6.81 -14.28 -22.34
CA SER B 15 -5.37 -14.47 -22.00
C SER B 15 -5.24 -14.99 -20.56
N SER B 16 -6.05 -14.46 -19.66
CA SER B 16 -6.00 -14.73 -18.19
C SER B 16 -6.41 -16.16 -17.87
N GLY B 17 -7.28 -16.75 -18.69
CA GLY B 17 -7.90 -18.07 -18.44
C GLY B 17 -9.03 -18.03 -17.42
N GLY B 18 -9.33 -16.87 -16.84
CA GLY B 18 -10.33 -16.75 -15.77
C GLY B 18 -11.58 -16.00 -16.21
N ARG B 19 -12.29 -15.49 -15.22
CA ARG B 19 -13.56 -14.78 -15.41
C ARG B 19 -13.39 -13.37 -14.83
N LEU B 20 -13.46 -12.36 -15.69
CA LEU B 20 -13.18 -10.94 -15.37
C LEU B 20 -14.49 -10.16 -15.30
N GLY B 21 -14.65 -9.38 -14.24
CA GLY B 21 -15.78 -8.44 -14.09
C GLY B 21 -15.28 -7.02 -13.92
N VAL B 22 -15.76 -6.12 -14.76
CA VAL B 22 -15.35 -4.69 -14.71
C VAL B 22 -16.58 -3.81 -14.67
N ALA B 23 -16.58 -2.81 -13.80
CA ALA B 23 -17.55 -1.70 -13.86
C ALA B 23 -16.82 -0.39 -13.57
N LEU B 24 -16.84 0.49 -14.55
CA LEU B 24 -16.36 1.88 -14.42
C LEU B 24 -17.57 2.81 -14.37
N ILE B 25 -17.53 3.79 -13.49
CA ILE B 25 -18.38 5.00 -13.59
C ILE B 25 -17.45 6.20 -13.73
N ASP B 26 -17.56 6.91 -14.83
CA ASP B 26 -16.83 8.18 -15.02
C ASP B 26 -17.76 9.30 -14.58
N THR B 27 -17.51 9.91 -13.43
CA THR B 27 -18.42 10.95 -12.88
C THR B 27 -18.29 12.25 -13.66
N ALA B 28 -17.34 12.40 -14.60
CA ALA B 28 -17.30 13.56 -15.53
C ALA B 28 -18.64 13.66 -16.27
N ASP B 29 -19.23 12.52 -16.66
CA ASP B 29 -20.33 12.50 -17.66
C ASP B 29 -21.27 11.32 -17.41
N ASN B 30 -21.03 10.58 -16.34
CA ASN B 30 -21.87 9.45 -15.88
C ASN B 30 -21.85 8.33 -16.91
N THR B 31 -20.82 8.28 -17.75
CA THR B 31 -20.59 7.13 -18.67
C THR B 31 -20.05 5.92 -17.90
N GLN B 32 -20.26 4.75 -18.48
CA GLN B 32 -19.93 3.46 -17.85
C GLN B 32 -19.21 2.59 -18.85
N VAL B 33 -18.38 1.67 -18.32
CA VAL B 33 -17.63 0.62 -19.06
C VAL B 33 -17.91 -0.69 -18.31
N LEU B 34 -18.77 -1.56 -18.84
CA LEU B 34 -19.18 -2.78 -18.14
C LEU B 34 -18.66 -4.00 -18.89
N TYR B 35 -18.17 -4.97 -18.14
CA TYR B 35 -17.75 -6.28 -18.67
C TYR B 35 -18.15 -7.32 -17.63
N ARG B 36 -19.10 -8.19 -17.97
CA ARG B 36 -19.74 -9.10 -16.98
C ARG B 36 -20.20 -8.25 -15.79
N GLY B 37 -20.72 -7.05 -16.07
CA GLY B 37 -21.12 -6.10 -15.02
C GLY B 37 -22.25 -6.62 -14.15
N ASP B 38 -23.06 -7.56 -14.65
CA ASP B 38 -24.23 -8.08 -13.91
C ASP B 38 -24.01 -9.51 -13.43
N GLU B 39 -22.80 -10.06 -13.58
CA GLU B 39 -22.48 -11.38 -13.01
C GLU B 39 -22.06 -11.22 -11.55
N ARG B 40 -22.38 -12.21 -10.73
CA ARG B 40 -21.91 -12.27 -9.34
C ARG B 40 -20.46 -12.76 -9.29
N PHE B 41 -19.70 -12.15 -8.41
CA PHE B 41 -18.31 -12.54 -8.08
C PHE B 41 -18.18 -12.56 -6.57
N PRO B 42 -17.34 -13.47 -6.03
CA PRO B 42 -17.04 -13.45 -4.61
C PRO B 42 -16.27 -12.15 -4.30
N MET B 43 -16.76 -11.43 -3.31
CA MET B 43 -16.18 -10.11 -2.92
C MET B 43 -14.85 -10.28 -2.20
N CYS B 44 -14.68 -11.35 -1.44
CA CYS B 44 -13.56 -11.52 -0.49
C CYS B 44 -13.38 -10.20 0.29
N SER B 45 -12.17 -9.70 0.46
CA SER B 45 -11.91 -8.59 1.42
C SER B 45 -12.57 -7.29 0.93
N THR B 46 -13.02 -7.18 -0.31
CA THR B 46 -13.68 -5.93 -0.79
C THR B 46 -14.97 -5.70 -0.01
N SER B 47 -15.52 -6.74 0.60
CA SER B 47 -16.74 -6.63 1.44
C SER B 47 -16.45 -5.75 2.68
N LYS B 48 -15.18 -5.60 3.07
CA LYS B 48 -14.84 -4.85 4.31
C LYS B 48 -15.27 -3.39 4.13
N VAL B 49 -15.35 -2.89 2.90
CA VAL B 49 -15.79 -1.49 2.67
C VAL B 49 -17.23 -1.34 3.15
N MET B 50 -18.10 -2.30 2.82
N MET B 50 -18.10 -2.30 2.83
CA MET B 50 -19.53 -2.20 3.23
CA MET B 50 -19.54 -2.22 3.21
C MET B 50 -19.62 -2.30 4.76
C MET B 50 -19.65 -2.34 4.74
N ALA B 51 -18.85 -3.20 5.38
CA ALA B 51 -18.90 -3.36 6.85
C ALA B 51 -18.42 -2.06 7.53
N ALA B 52 -17.29 -1.50 7.12
CA ALA B 52 -16.80 -0.24 7.73
C ALA B 52 -17.80 0.89 7.50
N ALA B 53 -18.34 0.99 6.29
CA ALA B 53 -19.32 2.05 5.95
C ALA B 53 -20.57 1.89 6.83
N ALA B 54 -20.99 0.66 7.12
CA ALA B 54 -22.20 0.40 7.94
C ALA B 54 -21.95 0.90 9.37
N VAL B 55 -20.74 0.69 9.90
CA VAL B 55 -20.38 1.18 11.25
C VAL B 55 -20.28 2.71 11.23
N LEU B 56 -19.74 3.29 10.16
CA LEU B 56 -19.72 4.76 10.04
C LEU B 56 -21.17 5.28 10.08
N LYS B 57 -22.08 4.65 9.36
CA LYS B 57 -23.49 5.11 9.35
C LYS B 57 -24.04 5.04 10.79
N GLN B 58 -23.78 3.93 11.50
CA GLN B 58 -24.25 3.82 12.90
C GLN B 58 -23.73 5.00 13.71
N SER B 59 -22.47 5.40 13.51
CA SER B 59 -21.81 6.48 14.29
C SER B 59 -22.46 7.84 14.01
N GLU B 60 -23.31 7.95 12.99
CA GLU B 60 -24.02 9.22 12.73
C GLU B 60 -25.04 9.49 13.84
N THR B 61 -25.55 8.44 14.49
CA THR B 61 -26.58 8.59 15.54
C THR B 61 -26.08 8.10 16.90
N GLN B 62 -25.16 7.15 16.94
CA GLN B 62 -24.41 6.74 18.16
C GLN B 62 -23.09 7.49 18.20
N LYS B 63 -23.09 8.70 18.74
CA LYS B 63 -22.07 9.71 18.38
C LYS B 63 -20.67 9.33 18.88
N GLN B 64 -20.56 8.52 19.94
CA GLN B 64 -19.25 8.08 20.48
C GLN B 64 -18.93 6.65 20.05
N LEU B 65 -19.69 6.08 19.13
CA LEU B 65 -19.55 4.64 18.81
C LEU B 65 -18.10 4.33 18.39
N LEU B 66 -17.45 5.19 17.62
CA LEU B 66 -16.13 4.87 17.03
C LEU B 66 -15.08 4.84 18.14
N ASN B 67 -15.39 5.39 19.32
CA ASN B 67 -14.47 5.40 20.49
C ASN B 67 -14.67 4.16 21.37
N GLN B 68 -15.69 3.34 21.09
CA GLN B 68 -16.09 2.20 21.95
C GLN B 68 -14.99 1.15 21.94
N PRO B 69 -14.43 0.76 23.10
CA PRO B 69 -13.48 -0.34 23.16
C PRO B 69 -14.17 -1.68 22.87
N VAL B 70 -13.47 -2.53 22.13
CA VAL B 70 -13.90 -3.91 21.81
C VAL B 70 -12.79 -4.86 22.25
N GLU B 71 -13.17 -5.87 23.03
CA GLU B 71 -12.22 -6.88 23.55
C GLU B 71 -11.70 -7.72 22.38
N ILE B 72 -10.37 -7.87 22.31
CA ILE B 72 -9.70 -8.84 21.40
C ILE B 72 -9.18 -9.99 22.25
N LYS B 73 -9.78 -11.17 22.10
N LYS B 73 -9.77 -11.18 22.09
CA LYS B 73 -9.41 -12.39 22.86
CA LYS B 73 -9.38 -12.38 22.87
C LYS B 73 -8.55 -13.28 21.96
C LYS B 73 -8.58 -13.31 21.97
N PRO B 74 -7.64 -14.10 22.53
CA PRO B 74 -6.88 -15.05 21.73
C PRO B 74 -7.77 -15.88 20.80
N ALA B 75 -8.94 -16.31 21.28
CA ALA B 75 -9.85 -17.19 20.52
C ALA B 75 -10.46 -16.43 19.33
N ASP B 76 -10.42 -15.10 19.33
CA ASP B 76 -10.99 -14.27 18.24
C ASP B 76 -10.07 -14.29 17.01
N LEU B 77 -8.78 -14.52 17.19
CA LEU B 77 -7.84 -14.37 16.07
C LEU B 77 -8.18 -15.41 15.00
N VAL B 78 -8.24 -14.99 13.75
CA VAL B 78 -8.49 -15.92 12.63
C VAL B 78 -7.19 -16.01 11.82
N ASN B 79 -7.23 -15.89 10.50
CA ASN B 79 -6.14 -16.38 9.63
C ASN B 79 -5.23 -15.25 9.17
N TYR B 80 -5.56 -14.00 9.44
CA TYR B 80 -4.80 -12.83 8.93
C TYR B 80 -5.08 -11.63 9.83
N ASN B 81 -4.22 -11.40 10.80
CA ASN B 81 -4.51 -10.52 11.95
C ASN B 81 -3.34 -9.59 12.20
N PRO B 82 -2.85 -8.86 11.17
CA PRO B 82 -1.60 -8.10 11.32
C PRO B 82 -1.71 -7.01 12.38
N ILE B 83 -2.91 -6.47 12.61
CA ILE B 83 -3.11 -5.42 13.64
C ILE B 83 -3.64 -6.06 14.94
N ALA B 84 -4.69 -6.86 14.86
CA ALA B 84 -5.39 -7.39 16.07
C ALA B 84 -4.45 -8.23 16.92
N GLU B 85 -3.46 -8.91 16.32
CA GLU B 85 -2.57 -9.81 17.11
C GLU B 85 -1.78 -8.97 18.11
N LYS B 86 -1.53 -7.69 17.82
CA LYS B 86 -0.79 -6.76 18.70
C LYS B 86 -1.62 -6.46 19.96
N HIS B 87 -2.96 -6.58 19.88
CA HIS B 87 -3.87 -6.06 20.92
C HIS B 87 -4.63 -7.18 21.62
N VAL B 88 -4.23 -8.43 21.39
N VAL B 88 -4.27 -8.43 21.37
CA VAL B 88 -4.83 -9.63 22.04
CA VAL B 88 -4.90 -9.60 22.04
C VAL B 88 -4.74 -9.47 23.56
C VAL B 88 -4.77 -9.41 23.55
N ASN B 89 -5.81 -9.82 24.28
CA ASN B 89 -5.94 -9.66 25.74
C ASN B 89 -6.02 -8.18 26.10
N GLY B 90 -6.36 -7.33 25.13
CA GLY B 90 -6.67 -5.92 25.34
C GLY B 90 -7.86 -5.52 24.50
N THR B 91 -7.95 -4.24 24.18
CA THR B 91 -9.08 -3.71 23.40
C THR B 91 -8.56 -2.91 22.22
N MET B 92 -9.41 -2.77 21.21
CA MET B 92 -9.27 -1.79 20.13
C MET B 92 -10.59 -1.05 20.02
N THR B 93 -10.56 0.21 19.59
CA THR B 93 -11.81 0.96 19.37
C THR B 93 -12.41 0.55 18.03
N LEU B 94 -13.68 0.85 17.80
CA LEU B 94 -14.30 0.59 16.48
C LEU B 94 -13.63 1.40 15.37
N ALA B 95 -13.12 2.61 15.65
CA ALA B 95 -12.34 3.38 14.65
C ALA B 95 -11.07 2.59 14.30
N GLU B 96 -10.36 2.11 15.31
CA GLU B 96 -9.09 1.37 15.10
C GLU B 96 -9.40 0.08 14.32
N LEU B 97 -10.50 -0.58 14.62
CA LEU B 97 -10.90 -1.84 13.92
C LEU B 97 -11.27 -1.52 12.47
N SER B 98 -11.95 -0.41 12.23
CA SER B 98 -12.34 0.00 10.86
C SER B 98 -11.07 0.29 10.04
N ALA B 99 -10.13 1.02 10.62
CA ALA B 99 -8.86 1.36 9.94
C ALA B 99 -8.07 0.06 9.67
N ALA B 100 -8.02 -0.84 10.65
CA ALA B 100 -7.29 -2.11 10.49
C ALA B 100 -7.92 -2.94 9.36
N ALA B 101 -9.24 -3.05 9.36
CA ALA B 101 -9.97 -3.83 8.35
C ALA B 101 -9.71 -3.25 6.97
N LEU B 102 -9.77 -1.93 6.84
CA LEU B 102 -9.68 -1.30 5.49
C LEU B 102 -8.22 -1.24 5.03
N GLN B 103 -7.33 -0.76 5.86
CA GLN B 103 -5.97 -0.36 5.39
C GLN B 103 -5.00 -1.53 5.44
N TYR B 104 -5.24 -2.52 6.29
CA TYR B 104 -4.35 -3.69 6.48
C TYR B 104 -5.10 -4.98 6.13
N SER B 105 -6.39 -4.90 5.91
CA SER B 105 -7.26 -6.06 5.59
C SER B 105 -7.23 -7.09 6.73
N ASP B 106 -7.21 -6.60 7.95
CA ASP B 106 -7.23 -7.48 9.15
C ASP B 106 -8.58 -8.22 9.23
N ASN B 107 -8.55 -9.56 9.25
CA ASN B 107 -9.78 -10.39 9.26
C ASN B 107 -10.43 -10.42 10.65
N THR B 108 -9.64 -10.37 11.71
CA THR B 108 -10.20 -10.26 13.09
C THR B 108 -10.95 -8.92 13.21
N ALA B 109 -10.36 -7.86 12.71
CA ALA B 109 -11.01 -6.52 12.71
C ALA B 109 -12.32 -6.61 11.94
N MET B 110 -12.33 -7.19 10.74
CA MET B 110 -13.58 -7.35 9.97
C MET B 110 -14.61 -8.11 10.81
N ASN B 111 -14.23 -9.18 11.50
CA ASN B 111 -15.22 -9.95 12.28
C ASN B 111 -15.80 -9.07 13.40
N LYS B 112 -15.01 -8.18 13.99
CA LYS B 112 -15.56 -7.26 15.02
C LYS B 112 -16.54 -6.27 14.39
N LEU B 113 -16.29 -5.79 13.18
CA LEU B 113 -17.25 -4.90 12.47
C LEU B 113 -18.55 -5.67 12.25
N ILE B 114 -18.43 -6.90 11.76
CA ILE B 114 -19.63 -7.72 11.48
C ILE B 114 -20.41 -7.92 12.77
N ALA B 115 -19.72 -8.26 13.87
CA ALA B 115 -20.39 -8.52 15.16
C ALA B 115 -21.10 -7.25 15.62
N GLN B 116 -20.46 -6.10 15.46
CA GLN B 116 -21.06 -4.79 15.86
C GLN B 116 -22.39 -4.62 15.14
N LEU B 117 -22.48 -5.07 13.89
CA LEU B 117 -23.70 -4.88 13.06
C LEU B 117 -24.73 -6.00 13.27
N GLY B 118 -24.44 -6.95 14.18
CA GLY B 118 -25.38 -8.03 14.54
C GLY B 118 -25.22 -9.26 13.65
N GLY B 119 -24.12 -9.33 12.90
CA GLY B 119 -23.83 -10.49 12.05
C GLY B 119 -23.82 -10.09 10.58
N PRO B 120 -23.48 -11.02 9.67
CA PRO B 120 -23.38 -10.67 8.26
C PRO B 120 -24.65 -10.02 7.72
N GLY B 121 -25.80 -10.45 8.23
CA GLY B 121 -27.10 -9.91 7.79
C GLY B 121 -27.20 -8.42 8.07
N GLY B 122 -26.51 -7.93 9.10
CA GLY B 122 -26.52 -6.49 9.42
C GLY B 122 -25.75 -5.68 8.39
N VAL B 123 -24.73 -6.29 7.78
CA VAL B 123 -23.99 -5.65 6.66
C VAL B 123 -24.92 -5.58 5.44
N THR B 124 -25.58 -6.68 5.11
CA THR B 124 -26.56 -6.70 4.00
C THR B 124 -27.66 -5.67 4.25
N ALA B 125 -28.15 -5.54 5.47
CA ALA B 125 -29.25 -4.60 5.82
C ALA B 125 -28.78 -3.18 5.49
N PHE B 126 -27.52 -2.85 5.78
CA PHE B 126 -26.99 -1.52 5.45
C PHE B 126 -26.98 -1.33 3.93
N ALA B 127 -26.52 -2.33 3.18
CA ALA B 127 -26.52 -2.28 1.71
C ALA B 127 -27.94 -1.96 1.25
N ARG B 128 -28.94 -2.67 1.78
CA ARG B 128 -30.33 -2.41 1.35
C ARG B 128 -30.73 -0.98 1.70
N ALA B 129 -30.29 -0.50 2.86
CA ALA B 129 -30.68 0.84 3.35
C ALA B 129 -30.15 1.93 2.41
N ILE B 130 -29.06 1.67 1.70
CA ILE B 130 -28.47 2.68 0.78
C ILE B 130 -28.80 2.35 -0.67
N GLY B 131 -29.71 1.40 -0.91
CA GLY B 131 -30.30 1.19 -2.24
C GLY B 131 -29.56 0.14 -3.05
N ASP B 132 -28.69 -0.63 -2.40
CA ASP B 132 -27.97 -1.77 -3.04
C ASP B 132 -28.77 -3.03 -2.74
N GLU B 133 -29.48 -3.53 -3.77
N GLU B 133 -29.47 -3.55 -3.75
CA GLU B 133 -30.37 -4.71 -3.69
CA GLU B 133 -30.34 -4.75 -3.63
C GLU B 133 -29.60 -5.98 -4.12
C GLU B 133 -29.58 -6.00 -4.08
N THR B 134 -28.31 -5.86 -4.44
CA THR B 134 -27.49 -6.95 -5.04
C THR B 134 -26.53 -7.55 -4.02
N PHE B 135 -25.81 -6.70 -3.30
CA PHE B 135 -24.81 -7.11 -2.31
C PHE B 135 -25.42 -8.12 -1.35
N ARG B 136 -24.67 -9.15 -0.98
CA ARG B 136 -25.04 -9.99 0.18
C ARG B 136 -23.78 -10.42 0.92
N LEU B 137 -23.80 -10.26 2.24
CA LEU B 137 -22.81 -10.91 3.12
C LEU B 137 -23.51 -11.97 3.94
N ASP B 138 -22.95 -13.18 3.93
CA ASP B 138 -23.59 -14.39 4.46
C ASP B 138 -22.76 -14.96 5.60
N ARG B 139 -21.44 -14.80 5.51
CA ARG B 139 -20.51 -15.48 6.43
C ARG B 139 -19.50 -14.50 7.02
N THR B 140 -18.86 -14.93 8.09
CA THR B 140 -17.77 -14.22 8.76
C THR B 140 -16.45 -14.56 8.07
N GLU B 141 -15.38 -13.94 8.52
CA GLU B 141 -14.02 -14.36 8.15
C GLU B 141 -13.62 -15.59 8.93
N PRO B 142 -12.94 -16.58 8.32
CA PRO B 142 -12.46 -16.52 6.93
C PRO B 142 -13.32 -17.23 5.88
N THR B 143 -14.47 -17.78 6.26
CA THR B 143 -15.23 -18.66 5.34
C THR B 143 -15.93 -17.84 4.24
N LEU B 144 -16.00 -16.51 4.35
CA LEU B 144 -16.66 -15.70 3.30
C LEU B 144 -15.82 -15.69 2.02
N ASN B 145 -14.60 -16.24 2.06
CA ASN B 145 -13.66 -16.20 0.92
C ASN B 145 -13.57 -17.53 0.15
N THR B 146 -14.48 -18.48 0.35
CA THR B 146 -14.40 -19.81 -0.32
C THR B 146 -14.53 -19.67 -1.84
N ALA B 147 -15.28 -18.67 -2.32
CA ALA B 147 -15.30 -18.27 -3.74
C ALA B 147 -15.66 -19.47 -4.63
N ILE B 148 -16.60 -20.29 -4.18
CA ILE B 148 -17.01 -21.52 -4.92
C ILE B 148 -17.83 -21.10 -6.14
N PRO B 149 -17.45 -21.57 -7.35
CA PRO B 149 -18.22 -21.24 -8.55
C PRO B 149 -19.71 -21.56 -8.36
N GLY B 150 -20.58 -20.60 -8.69
CA GLY B 150 -22.04 -20.79 -8.68
C GLY B 150 -22.65 -20.47 -7.31
N ASP B 151 -21.81 -20.25 -6.30
CA ASP B 151 -22.28 -20.00 -4.91
C ASP B 151 -22.59 -18.52 -4.78
N PRO B 152 -23.86 -18.13 -4.51
CA PRO B 152 -24.17 -16.70 -4.41
C PRO B 152 -23.75 -16.05 -3.08
N ARG B 153 -23.33 -16.85 -2.11
CA ARG B 153 -22.98 -16.28 -0.79
C ARG B 153 -21.82 -15.31 -0.93
N ASP B 154 -21.90 -14.17 -0.24
CA ASP B 154 -20.76 -13.24 -0.13
C ASP B 154 -20.36 -12.77 -1.53
N THR B 155 -21.34 -12.49 -2.36
CA THR B 155 -21.12 -11.97 -3.73
C THR B 155 -21.82 -10.64 -3.94
N THR B 156 -21.36 -9.94 -4.97
CA THR B 156 -22.09 -8.84 -5.59
C THR B 156 -21.75 -8.82 -7.06
N THR B 157 -22.30 -7.86 -7.78
CA THR B 157 -21.96 -7.64 -9.21
C THR B 157 -21.07 -6.41 -9.31
N PRO B 158 -20.22 -6.35 -10.35
CA PRO B 158 -19.40 -5.14 -10.53
C PRO B 158 -20.26 -3.86 -10.64
N ARG B 159 -21.35 -3.93 -11.39
CA ARG B 159 -22.24 -2.76 -11.56
C ARG B 159 -22.74 -2.31 -10.19
N ALA B 160 -23.26 -3.23 -9.37
CA ALA B 160 -23.85 -2.86 -8.07
C ALA B 160 -22.76 -2.24 -7.18
N MET B 161 -21.58 -2.84 -7.18
N MET B 161 -21.58 -2.84 -7.17
CA MET B 161 -20.51 -2.43 -6.24
CA MET B 161 -20.53 -2.40 -6.21
C MET B 161 -19.93 -1.08 -6.66
C MET B 161 -19.94 -1.06 -6.67
N ALA B 162 -19.83 -0.83 -7.97
CA ALA B 162 -19.34 0.48 -8.46
C ALA B 162 -20.35 1.57 -8.05
N GLN B 163 -21.62 1.31 -8.26
CA GLN B 163 -22.69 2.28 -7.90
C GLN B 163 -22.64 2.55 -6.39
N THR B 164 -22.58 1.51 -5.57
CA THR B 164 -22.53 1.67 -4.11
C THR B 164 -21.26 2.42 -3.72
N LEU B 165 -20.12 2.05 -4.28
CA LEU B 165 -18.85 2.74 -3.91
C LEU B 165 -18.95 4.23 -4.27
N ARG B 166 -19.54 4.56 -5.40
CA ARG B 166 -19.81 5.97 -5.75
C ARG B 166 -20.65 6.63 -4.64
N GLN B 167 -21.78 6.04 -4.27
CA GLN B 167 -22.67 6.65 -3.26
C GLN B 167 -21.92 6.84 -1.95
N LEU B 168 -21.09 5.87 -1.56
CA LEU B 168 -20.39 5.91 -0.25
C LEU B 168 -19.33 7.01 -0.24
N THR B 169 -18.57 7.16 -1.32
CA THR B 169 -17.35 7.97 -1.33
C THR B 169 -17.55 9.34 -1.98
N LEU B 170 -18.51 9.48 -2.90
CA LEU B 170 -18.69 10.73 -3.69
C LEU B 170 -20.12 11.24 -3.52
N GLY B 171 -21.02 10.38 -3.07
CA GLY B 171 -22.44 10.73 -2.92
C GLY B 171 -22.82 10.95 -1.46
N HIS B 172 -24.06 10.59 -1.11
CA HIS B 172 -24.67 10.97 0.17
C HIS B 172 -25.24 9.75 0.88
N ALA B 173 -24.65 8.57 0.66
CA ALA B 173 -25.01 7.38 1.46
C ALA B 173 -24.61 7.62 2.92
N LEU B 174 -23.51 8.33 3.14
CA LEU B 174 -23.02 8.65 4.50
C LEU B 174 -23.11 10.15 4.74
N GLY B 175 -23.08 10.55 6.00
CA GLY B 175 -22.91 11.96 6.37
C GLY B 175 -21.56 12.47 5.92
N GLU B 176 -21.45 13.79 5.83
N GLU B 176 -21.41 13.78 5.80
CA GLU B 176 -20.25 14.50 5.29
CA GLU B 176 -20.18 14.36 5.19
C GLU B 176 -18.99 13.98 6.00
C GLU B 176 -18.95 13.92 6.00
N THR B 177 -18.97 14.00 7.33
CA THR B 177 -17.79 13.62 8.14
C THR B 177 -17.45 12.15 7.85
N GLN B 178 -18.46 11.31 7.76
CA GLN B 178 -18.29 9.86 7.63
C GLN B 178 -17.78 9.53 6.23
N ARG B 179 -18.30 10.20 5.21
N ARG B 179 -18.33 10.20 5.22
CA ARG B 179 -17.83 10.04 3.82
CA ARG B 179 -17.86 10.06 3.81
C ARG B 179 -16.35 10.40 3.77
C ARG B 179 -16.37 10.41 3.76
N ALA B 180 -15.99 11.54 4.35
CA ALA B 180 -14.60 12.01 4.34
C ALA B 180 -13.72 10.98 5.05
N GLN B 181 -14.19 10.42 6.16
CA GLN B 181 -13.40 9.41 6.92
C GLN B 181 -13.20 8.15 6.08
N LEU B 182 -14.24 7.69 5.40
CA LEU B 182 -14.10 6.48 4.53
C LEU B 182 -13.06 6.78 3.45
N VAL B 183 -13.13 7.95 2.82
CA VAL B 183 -12.21 8.31 1.71
C VAL B 183 -10.79 8.38 2.27
N THR B 184 -10.59 8.99 3.43
CA THR B 184 -9.27 9.04 4.09
C THR B 184 -8.73 7.63 4.29
N TRP B 185 -9.58 6.73 4.79
CA TRP B 185 -9.13 5.35 5.07
C TRP B 185 -8.72 4.68 3.76
N LEU B 186 -9.56 4.79 2.72
CA LEU B 186 -9.27 4.11 1.42
C LEU B 186 -8.00 4.67 0.80
N LYS B 187 -7.76 5.98 0.90
CA LYS B 187 -6.57 6.59 0.31
C LYS B 187 -5.31 6.09 1.04
N GLY B 188 -5.45 5.69 2.30
CA GLY B 188 -4.33 5.19 3.12
C GLY B 188 -4.18 3.68 2.99
N ASN B 189 -4.88 3.03 2.07
CA ASN B 189 -4.74 1.57 1.89
C ASN B 189 -3.27 1.20 1.70
N THR B 190 -2.84 0.10 2.28
CA THR B 190 -1.45 -0.41 2.14
C THR B 190 -1.33 -1.47 1.06
N THR B 191 -2.43 -2.08 0.61
CA THR B 191 -2.38 -3.36 -0.14
C THR B 191 -2.59 -3.19 -1.66
N GLY B 192 -2.66 -1.97 -2.19
CA GLY B 192 -3.25 -1.72 -3.51
C GLY B 192 -2.27 -1.49 -4.65
N ALA B 193 -0.97 -1.35 -4.40
CA ALA B 193 -0.04 -0.80 -5.42
C ALA B 193 0.10 -1.74 -6.63
N ALA B 194 -0.24 -3.03 -6.51
CA ALA B 194 -0.06 -4.02 -7.61
C ALA B 194 -1.34 -4.16 -8.44
N SER B 195 -2.42 -3.53 -8.01
CA SER B 195 -3.77 -3.82 -8.55
C SER B 195 -4.23 -2.66 -9.44
N ILE B 196 -5.42 -2.11 -9.25
CA ILE B 196 -5.91 -1.04 -10.17
C ILE B 196 -4.83 0.05 -10.31
N ARG B 197 -4.24 0.52 -9.22
CA ARG B 197 -3.38 1.71 -9.35
C ARG B 197 -2.12 1.38 -10.17
N ALA B 198 -1.71 0.12 -10.32
CA ALA B 198 -0.53 -0.23 -11.16
C ALA B 198 -0.86 0.03 -12.65
N GLY B 199 -2.14 0.10 -13.02
CA GLY B 199 -2.53 0.34 -14.43
C GLY B 199 -2.80 1.82 -14.74
N LEU B 200 -2.66 2.69 -13.75
CA LEU B 200 -3.04 4.13 -13.88
C LEU B 200 -1.79 5.00 -13.83
N PRO B 201 -1.84 6.20 -14.45
CA PRO B 201 -0.76 7.17 -14.29
C PRO B 201 -0.46 7.44 -12.80
N THR B 202 0.81 7.63 -12.46
CA THR B 202 1.25 7.80 -11.05
C THR B 202 0.70 9.13 -10.50
N SER B 203 0.41 10.09 -11.37
CA SER B 203 -0.11 11.42 -10.97
C SER B 203 -1.56 11.31 -10.43
N TRP B 204 -2.24 10.21 -10.71
CA TRP B 204 -3.66 10.05 -10.27
C TRP B 204 -3.70 9.58 -8.82
N THR B 205 -4.64 10.12 -8.04
CA THR B 205 -4.85 9.72 -6.64
C THR B 205 -5.84 8.55 -6.60
N VAL B 206 -5.52 7.51 -5.85
CA VAL B 206 -6.37 6.30 -5.71
C VAL B 206 -6.65 6.03 -4.23
N GLY B 207 -7.90 5.74 -3.92
CA GLY B 207 -8.28 5.03 -2.70
C GLY B 207 -8.92 3.72 -3.07
N ASP B 208 -8.55 2.62 -2.42
CA ASP B 208 -9.03 1.31 -2.89
C ASP B 208 -9.08 0.30 -1.76
N LYS B 209 -9.75 -0.81 -2.03
CA LYS B 209 -9.75 -2.00 -1.17
C LYS B 209 -9.59 -3.21 -2.06
N THR B 210 -8.55 -3.99 -1.79
CA THR B 210 -8.24 -5.23 -2.53
C THR B 210 -8.91 -6.43 -1.87
N GLY B 211 -8.85 -7.57 -2.51
CA GLY B 211 -9.16 -8.83 -1.85
C GLY B 211 -8.63 -9.99 -2.65
N SER B 212 -8.45 -11.11 -1.99
CA SER B 212 -8.20 -12.39 -2.66
C SER B 212 -8.80 -13.53 -1.86
N GLY B 213 -8.95 -14.66 -2.51
CA GLY B 213 -9.57 -15.85 -1.93
C GLY B 213 -9.25 -17.08 -2.74
N ASP B 214 -10.03 -18.09 -2.40
CA ASP B 214 -9.81 -19.35 -3.16
C ASP B 214 -10.23 -19.15 -4.63
N TYR B 215 -9.95 -20.12 -5.48
CA TYR B 215 -10.19 -20.05 -6.94
C TYR B 215 -9.40 -18.86 -7.51
N GLY B 216 -8.24 -18.55 -6.91
CA GLY B 216 -7.38 -17.48 -7.42
C GLY B 216 -8.14 -16.17 -7.52
N THR B 217 -9.11 -15.96 -6.64
CA THR B 217 -9.96 -14.75 -6.71
C THR B 217 -9.07 -13.55 -6.36
N THR B 218 -9.11 -12.54 -7.21
CA THR B 218 -8.24 -11.35 -7.15
C THR B 218 -9.09 -10.13 -7.50
N ASN B 219 -9.30 -9.26 -6.52
CA ASN B 219 -10.30 -8.19 -6.60
C ASN B 219 -9.69 -6.85 -6.22
N ASP B 220 -10.28 -5.78 -6.74
CA ASP B 220 -9.96 -4.41 -6.28
C ASP B 220 -11.16 -3.52 -6.59
N ILE B 221 -11.51 -2.66 -5.64
CA ILE B 221 -12.54 -1.63 -5.87
C ILE B 221 -11.92 -0.30 -5.47
N ALA B 222 -12.03 0.68 -6.36
CA ALA B 222 -11.27 1.94 -6.27
C ALA B 222 -12.12 3.16 -6.57
N VAL B 223 -11.80 4.26 -5.89
N VAL B 223 -11.81 4.24 -5.87
CA VAL B 223 -12.19 5.62 -6.32
CA VAL B 223 -12.16 5.61 -6.29
C VAL B 223 -10.93 6.37 -6.71
C VAL B 223 -10.88 6.29 -6.76
N ILE B 224 -10.96 6.97 -7.89
CA ILE B 224 -9.77 7.48 -8.61
C ILE B 224 -10.00 8.95 -8.89
N TRP B 225 -9.02 9.79 -8.53
CA TRP B 225 -9.04 11.23 -8.84
C TRP B 225 -7.94 11.48 -9.86
N PRO B 226 -8.29 11.49 -11.17
CA PRO B 226 -7.32 11.79 -12.21
C PRO B 226 -6.97 13.27 -12.17
N GLN B 227 -5.72 13.54 -12.64
CA GLN B 227 -5.24 14.93 -12.64
C GLN B 227 -6.14 15.78 -13.53
N GLY B 228 -6.80 16.78 -12.95
CA GLY B 228 -7.51 17.84 -13.67
C GLY B 228 -8.89 17.41 -14.15
N ARG B 229 -9.41 16.28 -13.69
CA ARG B 229 -10.77 15.89 -14.13
C ARG B 229 -11.53 15.17 -13.02
N ALA B 230 -12.77 14.96 -13.25
CA ALA B 230 -13.70 14.42 -12.23
C ALA B 230 -13.33 12.99 -11.88
N PRO B 231 -13.68 12.53 -10.65
CA PRO B 231 -13.32 11.19 -10.22
C PRO B 231 -13.97 10.06 -11.02
N LEU B 232 -13.29 8.92 -11.00
CA LEU B 232 -13.81 7.64 -11.54
C LEU B 232 -14.10 6.72 -10.37
N VAL B 233 -15.02 5.79 -10.55
CA VAL B 233 -15.13 4.62 -9.67
C VAL B 233 -14.92 3.38 -10.52
N LEU B 234 -14.07 2.47 -10.05
CA LEU B 234 -13.69 1.29 -10.85
C LEU B 234 -13.70 0.04 -9.97
N VAL B 235 -14.46 -0.95 -10.39
CA VAL B 235 -14.47 -2.30 -9.79
C VAL B 235 -13.85 -3.26 -10.81
N THR B 236 -12.85 -4.02 -10.37
CA THR B 236 -12.25 -5.11 -11.14
C THR B 236 -12.27 -6.37 -10.28
N TYR B 237 -13.09 -7.33 -10.67
CA TYR B 237 -13.21 -8.63 -9.99
C TYR B 237 -12.69 -9.71 -10.93
N PHE B 238 -12.03 -10.72 -10.38
CA PHE B 238 -11.42 -11.79 -11.19
C PHE B 238 -11.42 -13.08 -10.39
N THR B 239 -11.80 -14.17 -11.03
CA THR B 239 -11.78 -15.48 -10.38
C THR B 239 -11.51 -16.55 -11.44
N GLN B 240 -11.03 -17.70 -11.00
CA GLN B 240 -10.34 -18.68 -11.88
C GLN B 240 -10.93 -20.06 -11.66
N PRO B 241 -10.71 -20.98 -12.62
CA PRO B 241 -11.35 -22.29 -12.56
C PRO B 241 -10.84 -23.21 -11.45
N GLN B 242 -9.56 -23.10 -11.09
CA GLN B 242 -8.89 -24.07 -10.17
C GLN B 242 -8.95 -23.53 -8.74
N GLN B 243 -9.37 -24.35 -7.79
CA GLN B 243 -9.55 -23.92 -6.38
C GLN B 243 -8.24 -23.31 -5.85
N ASN B 244 -7.08 -23.81 -6.25
N ASN B 244 -7.10 -23.81 -6.32
CA ASN B 244 -5.80 -23.35 -5.65
CA ASN B 244 -5.75 -23.52 -5.78
C ASN B 244 -5.02 -22.53 -6.68
C ASN B 244 -5.03 -22.46 -6.64
N ALA B 245 -5.73 -21.87 -7.61
CA ALA B 245 -5.12 -20.91 -8.58
C ALA B 245 -4.37 -19.82 -7.84
N GLU B 246 -3.31 -19.33 -8.49
CA GLU B 246 -2.45 -18.22 -8.03
C GLU B 246 -3.22 -16.89 -8.18
N SER B 247 -2.92 -15.90 -7.32
CA SER B 247 -3.45 -14.53 -7.49
C SER B 247 -2.95 -13.94 -8.81
N ARG B 248 -3.74 -13.04 -9.40
CA ARG B 248 -3.41 -12.36 -10.68
C ARG B 248 -3.70 -10.86 -10.54
N ARG B 249 -2.99 -10.18 -9.65
CA ARG B 249 -3.18 -8.71 -9.52
C ARG B 249 -2.85 -8.04 -10.85
N ASP B 250 -1.97 -8.63 -11.66
CA ASP B 250 -1.56 -8.06 -12.97
C ASP B 250 -2.78 -7.95 -13.89
N VAL B 251 -3.75 -8.85 -13.76
CA VAL B 251 -4.97 -8.82 -14.60
C VAL B 251 -5.80 -7.58 -14.23
N LEU B 252 -5.86 -7.24 -12.95
CA LEU B 252 -6.60 -6.03 -12.52
C LEU B 252 -5.87 -4.78 -13.03
N ALA B 253 -4.54 -4.74 -12.90
CA ALA B 253 -3.72 -3.63 -13.41
C ALA B 253 -3.98 -3.45 -14.90
N SER B 254 -3.98 -4.56 -15.64
CA SER B 254 -4.18 -4.55 -17.11
C SER B 254 -5.58 -4.03 -17.44
N ALA B 255 -6.60 -4.44 -16.68
CA ALA B 255 -7.99 -3.96 -16.90
C ALA B 255 -8.03 -2.44 -16.67
N ALA B 256 -7.39 -1.97 -15.62
CA ALA B 256 -7.39 -0.52 -15.29
C ALA B 256 -6.69 0.23 -16.41
N ARG B 257 -5.58 -0.31 -16.92
CA ARG B 257 -4.78 0.35 -17.97
C ARG B 257 -5.63 0.48 -19.23
N ILE B 258 -6.42 -0.54 -19.56
CA ILE B 258 -7.33 -0.54 -20.74
C ILE B 258 -8.37 0.57 -20.55
N ILE B 259 -8.97 0.64 -19.36
CA ILE B 259 -10.01 1.65 -18.99
C ILE B 259 -9.41 3.05 -19.16
N ALA B 260 -8.17 3.26 -18.72
CA ALA B 260 -7.53 4.60 -18.62
C ALA B 260 -7.10 5.07 -20.01
N GLU B 261 -6.72 4.13 -20.89
CA GLU B 261 -6.46 4.38 -22.33
C GLU B 261 -7.73 4.95 -22.97
N GLY B 262 -8.88 4.34 -22.66
CA GLY B 262 -10.08 4.35 -23.51
C GLY B 262 -10.94 5.59 -23.27
N LEU B 263 -10.63 6.35 -22.22
CA LEU B 263 -11.10 7.75 -22.02
C LEU B 263 -9.96 8.72 -22.32
#